data_4DHK
#
_entry.id   4DHK
#
_cell.length_a   92.870
_cell.length_b   92.870
_cell.length_c   137.590
_cell.angle_alpha   90.000
_cell.angle_beta   90.000
_cell.angle_gamma   120.000
#
_symmetry.space_group_name_H-M   'H 3'
#
loop_
_entity.id
_entity.type
_entity.pdbx_description
1 polymer 'Deoxycytidine triphosphate deaminase'
2 non-polymer 1,2-ETHANEDIOL
3 water water
#
_entity_poly.entity_id   1
_entity_poly.type   'polypeptide(L)'
_entity_poly.pdbx_seq_one_letter_code
;GSMSIKSDKWIRRMAEEHKMIEPFVPDQVRAAEDGRRIVSYGTSSYGYDIRCADEFKIFTNINSTIVDPKNFDEGSFVDF
KGDVCIIPPNSFALARTVEYFRIPRTVLTVCLGKSTYARCGIIVNVTPFEPEWEGYVTLEFSNTTPLPAKIYANEGVAQV
LFFESDEVCDVSYADRGGKYQGQRGVTLPKT
;
_entity_poly.pdbx_strand_id   A,B
#
loop_
_chem_comp.id
_chem_comp.type
_chem_comp.name
_chem_comp.formula
EDO non-polymer 1,2-ETHANEDIOL 'C2 H6 O2'
#
# COMPACT_ATOMS: atom_id res chain seq x y z
N ILE A 5 -0.74 26.61 -15.30
CA ILE A 5 0.32 25.75 -14.70
C ILE A 5 0.98 26.38 -13.46
N LYS A 6 1.17 25.59 -12.41
CA LYS A 6 1.75 26.07 -11.14
C LYS A 6 3.30 26.06 -11.20
N SER A 7 3.93 27.00 -10.50
CA SER A 7 5.39 27.23 -10.60
C SER A 7 6.22 26.53 -9.53
N ASP A 8 7.54 26.61 -9.67
CA ASP A 8 8.46 26.03 -8.68
C ASP A 8 8.23 26.60 -7.27
N LYS A 9 7.91 27.90 -7.17
CA LYS A 9 7.61 28.50 -5.86
C LYS A 9 6.39 27.81 -5.24
N TRP A 10 5.34 27.64 -6.03
CA TRP A 10 4.11 26.97 -5.58
C TRP A 10 4.35 25.52 -5.18
N ILE A 11 5.10 24.79 -6.00
CA ILE A 11 5.43 23.36 -5.71
C ILE A 11 6.14 23.22 -4.36
N ARG A 12 7.14 24.06 -4.14
CA ARG A 12 7.82 24.14 -2.84
C ARG A 12 6.87 24.40 -1.68
N ARG A 13 5.97 25.37 -1.85
CA ARG A 13 5.00 25.73 -0.82
C ARG A 13 4.14 24.50 -0.46
N MET A 14 3.66 23.81 -1.49
CA MET A 14 2.76 22.66 -1.32
C MET A 14 3.43 21.44 -0.71
N ALA A 15 4.71 21.26 -0.99
CA ALA A 15 5.47 20.14 -0.43
C ALA A 15 5.72 20.39 1.05
N GLU A 16 6.21 21.56 1.38
CA GLU A 16 6.55 21.90 2.77
C GLU A 16 5.33 22.15 3.68
N GLU A 17 4.27 22.76 3.15
CA GLU A 17 3.09 23.10 3.97
C GLU A 17 2.00 22.03 3.96
N HIS A 18 1.88 21.27 2.87
CA HIS A 18 0.83 20.25 2.75
C HIS A 18 1.32 18.86 2.38
N LYS A 19 2.62 18.62 2.43
CA LYS A 19 3.17 17.28 2.21
C LYS A 19 2.78 16.71 0.84
N MET A 20 2.72 17.55 -0.18
CA MET A 20 2.27 17.11 -1.50
C MET A 20 3.23 16.04 -2.05
N ILE A 21 4.52 16.21 -1.80
CA ILE A 21 5.57 15.34 -2.31
C ILE A 21 6.49 14.99 -1.19
N GLU A 22 6.72 13.70 -0.95
CA GLU A 22 7.62 13.25 0.10
C GLU A 22 8.32 11.96 -0.32
N PRO A 23 9.66 11.91 -0.26
CA PRO A 23 10.60 12.98 0.13
C PRO A 23 10.67 14.01 -0.98
N PHE A 24 11.06 15.23 -0.63
CA PHE A 24 11.04 16.35 -1.55
C PHE A 24 12.40 17.03 -1.60
N VAL A 25 12.86 17.41 -2.79
CA VAL A 25 14.02 18.30 -2.90
C VAL A 25 13.63 19.60 -3.60
N PRO A 26 14.06 20.76 -3.04
CA PRO A 26 13.61 22.06 -3.55
C PRO A 26 14.33 22.51 -4.82
N ASP A 27 15.38 21.81 -5.20
CA ASP A 27 16.20 22.18 -6.36
C ASP A 27 16.45 20.95 -7.21
N GLN A 28 17.05 21.17 -8.37
CA GLN A 28 17.52 20.12 -9.25
C GLN A 28 18.73 19.45 -8.62
N VAL A 29 18.70 18.13 -8.48
CA VAL A 29 19.88 17.37 -8.11
C VAL A 29 20.38 16.69 -9.37
N ARG A 30 21.64 16.99 -9.72
CA ARG A 30 22.24 16.57 -10.97
C ARG A 30 23.41 15.60 -10.77
N ALA A 31 23.74 15.26 -9.53
CA ALA A 31 24.85 14.35 -9.28
C ALA A 31 24.62 13.59 -7.99
N ALA A 32 25.21 12.40 -7.88
CA ALA A 32 25.09 11.57 -6.66
C ALA A 32 26.09 12.02 -5.59
N GLU A 33 26.03 11.39 -4.41
CA GLU A 33 26.93 11.73 -3.28
C GLU A 33 28.40 11.77 -3.70
N ASP A 34 28.77 10.79 -4.52
CA ASP A 34 30.13 10.66 -5.07
C ASP A 34 30.55 11.66 -6.17
N GLY A 35 29.64 12.49 -6.67
CA GLY A 35 29.92 13.35 -7.84
C GLY A 35 29.57 12.71 -9.20
N ARG A 36 29.16 11.45 -9.18
CA ARG A 36 28.72 10.76 -10.40
C ARG A 36 27.49 11.44 -11.03
N ARG A 37 27.51 11.64 -12.34
CA ARG A 37 26.40 12.30 -13.02
C ARG A 37 25.19 11.35 -13.01
N ILE A 38 24.03 11.90 -12.69
CA ILE A 38 22.77 11.13 -12.71
C ILE A 38 21.75 11.83 -13.58
N VAL A 39 20.67 11.14 -13.92
CA VAL A 39 19.57 11.76 -14.63
C VAL A 39 18.88 12.59 -13.55
N SER A 40 18.73 13.86 -13.80
CA SER A 40 18.41 14.80 -12.74
C SER A 40 16.98 14.67 -12.20
N TYR A 41 16.83 14.98 -10.92
CA TYR A 41 15.54 14.99 -10.28
C TYR A 41 15.39 16.21 -9.42
N GLY A 42 14.17 16.39 -8.91
CA GLY A 42 13.88 17.48 -8.04
C GLY A 42 13.01 18.53 -8.71
N THR A 43 12.82 19.62 -7.98
CA THR A 43 11.96 20.71 -8.44
C THR A 43 12.56 21.37 -9.66
N SER A 44 11.68 21.66 -10.60
CA SER A 44 12.01 22.30 -11.86
C SER A 44 11.20 23.58 -11.95
N SER A 45 11.42 24.36 -13.00
CA SER A 45 10.86 25.72 -13.10
C SER A 45 9.36 25.69 -13.00
N TYR A 46 8.73 24.77 -13.74
CA TYR A 46 7.26 24.63 -13.74
C TYR A 46 6.83 23.17 -13.63
N GLY A 47 7.47 22.44 -12.72
CA GLY A 47 7.18 21.03 -12.53
C GLY A 47 8.10 20.36 -11.54
N TYR A 48 7.95 19.04 -11.42
CA TYR A 48 8.77 18.24 -10.52
C TYR A 48 9.27 16.95 -11.21
N ASP A 49 10.59 16.77 -11.20
CA ASP A 49 11.24 15.59 -11.79
C ASP A 49 11.26 14.47 -10.75
N ILE A 50 10.44 13.45 -11.02
CA ILE A 50 10.32 12.32 -10.13
C ILE A 50 11.38 11.26 -10.42
N ARG A 51 11.68 10.47 -9.39
CA ARG A 51 12.63 9.37 -9.47
C ARG A 51 11.98 8.00 -9.53
N CYS A 52 12.64 7.08 -10.23
CA CYS A 52 12.26 5.68 -10.27
C CYS A 52 12.90 4.98 -9.05
N ALA A 53 12.15 4.18 -8.30
CA ALA A 53 12.76 3.38 -7.23
C ALA A 53 13.34 2.13 -7.83
N ASP A 54 13.94 1.30 -7.00
CA ASP A 54 14.70 0.15 -7.48
C ASP A 54 13.95 -1.18 -7.57
N GLU A 55 12.62 -1.18 -7.42
CA GLU A 55 11.83 -2.39 -7.57
C GLU A 55 11.05 -2.37 -8.91
N PHE A 56 11.36 -3.33 -9.78
CA PHE A 56 10.81 -3.34 -11.11
C PHE A 56 9.97 -4.60 -11.33
N LYS A 57 9.02 -4.51 -12.27
CA LYS A 57 8.33 -5.67 -12.75
C LYS A 57 8.53 -5.71 -14.27
N ILE A 58 9.21 -6.74 -14.73
CA ILE A 58 9.57 -6.85 -16.18
C ILE A 58 8.55 -7.80 -16.78
N PHE A 59 7.88 -7.35 -17.83
CA PHE A 59 6.90 -8.20 -18.51
C PHE A 59 7.57 -9.45 -19.08
N THR A 60 6.91 -10.60 -18.90
CA THR A 60 7.32 -11.82 -19.55
C THR A 60 6.09 -12.42 -20.27
N ASN A 61 6.31 -12.84 -21.51
CA ASN A 61 5.27 -13.53 -22.26
C ASN A 61 5.37 -15.06 -22.11
N ILE A 62 6.21 -15.56 -21.23
CA ILE A 62 6.36 -16.99 -21.10
C ILE A 62 5.14 -17.62 -20.44
N ASN A 63 4.68 -18.71 -21.05
N ASN A 63 4.67 -18.69 -21.08
CA ASN A 63 3.49 -19.42 -20.62
CA ASN A 63 3.47 -19.41 -20.69
C ASN A 63 2.18 -18.66 -20.74
C ASN A 63 2.17 -18.64 -20.74
N SER A 64 2.12 -17.60 -21.56
CA SER A 64 0.90 -16.80 -21.74
C SER A 64 0.64 -16.62 -23.23
N THR A 65 -0.61 -16.28 -23.55
CA THR A 65 -1.01 -16.05 -24.92
C THR A 65 -1.69 -14.71 -25.14
N ILE A 66 -2.12 -14.02 -24.08
CA ILE A 66 -2.85 -12.77 -24.27
C ILE A 66 -2.61 -11.80 -23.11
N VAL A 67 -2.50 -10.51 -23.42
CA VAL A 67 -2.45 -9.47 -22.40
C VAL A 67 -3.92 -9.06 -22.18
N ASP A 68 -4.41 -9.21 -20.95
CA ASP A 68 -5.79 -8.91 -20.60
C ASP A 68 -5.82 -7.82 -19.54
N PRO A 69 -6.01 -6.57 -19.97
CA PRO A 69 -5.92 -5.48 -19.01
C PRO A 69 -6.95 -5.54 -17.89
N LYS A 70 -8.06 -6.24 -18.11
CA LYS A 70 -9.07 -6.37 -17.05
C LYS A 70 -8.74 -7.50 -16.10
N ASN A 71 -7.71 -8.29 -16.41
CA ASN A 71 -7.29 -9.37 -15.54
CA ASN A 71 -7.27 -9.38 -15.53
C ASN A 71 -5.78 -9.27 -15.30
N PHE A 72 -5.34 -8.15 -14.75
CA PHE A 72 -3.90 -7.92 -14.49
C PHE A 72 -3.36 -9.08 -13.62
N ASP A 73 -2.29 -9.72 -14.06
CA ASP A 73 -1.79 -10.96 -13.46
C ASP A 73 -0.33 -10.77 -13.11
N GLU A 74 -0.03 -10.75 -11.82
CA GLU A 74 1.36 -10.63 -11.35
C GLU A 74 2.25 -11.75 -11.93
N GLY A 75 1.66 -12.86 -12.31
CA GLY A 75 2.38 -13.97 -12.96
C GLY A 75 2.96 -13.64 -14.32
N SER A 76 2.57 -12.55 -14.96
CA SER A 76 3.15 -12.21 -16.26
CA SER A 76 3.15 -12.19 -16.26
C SER A 76 4.26 -11.17 -16.09
N PHE A 77 4.77 -11.03 -14.86
CA PHE A 77 5.92 -10.16 -14.59
C PHE A 77 7.00 -10.89 -13.81
N VAL A 78 8.27 -10.57 -14.10
CA VAL A 78 9.40 -11.03 -13.30
C VAL A 78 9.81 -9.86 -12.36
N ASP A 79 9.82 -10.10 -11.06
CA ASP A 79 10.31 -9.08 -10.10
C ASP A 79 11.82 -8.94 -10.21
N PHE A 80 12.30 -7.71 -10.24
CA PHE A 80 13.72 -7.43 -10.30
C PHE A 80 13.96 -6.24 -9.39
N LYS A 81 14.91 -6.39 -8.47
CA LYS A 81 15.29 -5.29 -7.60
C LYS A 81 16.76 -5.00 -7.86
N GLY A 82 17.09 -3.77 -8.22
CA GLY A 82 18.49 -3.46 -8.51
C GLY A 82 18.67 -2.04 -9.00
N ASP A 83 19.91 -1.63 -9.19
CA ASP A 83 20.22 -0.27 -9.55
C ASP A 83 19.86 0.04 -11.01
N VAL A 84 19.96 -0.97 -11.87
CA VAL A 84 19.71 -0.77 -13.32
C VAL A 84 18.79 -1.89 -13.82
N CYS A 85 17.61 -1.54 -14.29
CA CYS A 85 16.70 -2.53 -14.85
C CYS A 85 16.96 -2.64 -16.36
N ILE A 86 16.93 -3.86 -16.87
CA ILE A 86 17.09 -4.11 -18.30
C ILE A 86 15.71 -4.51 -18.83
N ILE A 87 15.15 -3.72 -19.75
CA ILE A 87 13.88 -4.02 -20.39
C ILE A 87 14.17 -4.72 -21.68
N PRO A 88 13.59 -5.90 -21.88
CA PRO A 88 13.81 -6.59 -23.16
C PRO A 88 13.40 -5.75 -24.39
N PRO A 89 13.98 -6.04 -25.56
CA PRO A 89 13.60 -5.31 -26.77
C PRO A 89 12.13 -5.39 -27.06
N ASN A 90 11.59 -4.28 -27.52
CA ASN A 90 10.19 -4.20 -27.91
C ASN A 90 9.24 -4.78 -26.86
N SER A 91 9.47 -4.40 -25.61
CA SER A 91 8.61 -4.86 -24.54
C SER A 91 8.59 -3.77 -23.44
N PHE A 92 8.14 -4.12 -22.24
CA PHE A 92 7.90 -3.11 -21.23
C PHE A 92 8.16 -3.60 -19.82
N ALA A 93 8.24 -2.62 -18.91
CA ALA A 93 8.43 -2.86 -17.48
C ALA A 93 7.63 -1.81 -16.70
N LEU A 94 7.36 -2.16 -15.45
CA LEU A 94 6.71 -1.28 -14.50
C LEU A 94 7.65 -1.03 -13.33
N ALA A 95 7.47 0.12 -12.71
CA ALA A 95 8.17 0.49 -11.48
C ALA A 95 7.31 1.48 -10.70
N ARG A 96 7.76 1.87 -9.51
CA ARG A 96 7.07 2.91 -8.76
CA ARG A 96 7.09 2.86 -8.68
C ARG A 96 8.07 4.02 -8.45
N THR A 97 7.53 5.18 -8.12
CA THR A 97 8.38 6.32 -7.81
C THR A 97 8.99 6.18 -6.43
N VAL A 98 10.13 6.83 -6.22
CA VAL A 98 10.62 7.04 -4.88
C VAL A 98 9.63 7.93 -4.13
N GLU A 99 9.13 8.96 -4.81
CA GLU A 99 8.24 9.94 -4.22
C GLU A 99 6.81 9.43 -3.96
N TYR A 100 6.30 9.80 -2.79
CA TYR A 100 4.90 9.59 -2.43
C TYR A 100 4.18 10.91 -2.62
N PHE A 101 2.99 10.87 -3.19
CA PHE A 101 2.20 12.07 -3.49
C PHE A 101 0.91 12.14 -2.69
N ARG A 102 0.49 13.37 -2.41
CA ARG A 102 -0.81 13.66 -1.82
C ARG A 102 -1.36 14.83 -2.60
N ILE A 103 -2.33 14.59 -3.47
CA ILE A 103 -2.76 15.62 -4.38
C ILE A 103 -3.96 16.38 -3.79
N PRO A 104 -3.87 17.72 -3.73
CA PRO A 104 -5.00 18.52 -3.29
C PRO A 104 -6.23 18.37 -4.19
N ARG A 105 -7.38 18.70 -3.61
CA ARG A 105 -8.67 18.66 -4.27
C ARG A 105 -8.71 19.56 -5.48
N THR A 106 -7.88 20.59 -5.50
CA THR A 106 -7.92 21.60 -6.56
C THR A 106 -7.00 21.25 -7.74
N VAL A 107 -6.21 20.17 -7.62
CA VAL A 107 -5.13 19.89 -8.58
C VAL A 107 -5.34 18.63 -9.42
N LEU A 108 -5.02 18.72 -10.71
CA LEU A 108 -4.77 17.54 -11.56
C LEU A 108 -3.33 17.64 -12.11
N THR A 109 -2.66 16.50 -12.28
CA THR A 109 -1.32 16.56 -12.84
C THR A 109 -1.24 15.78 -14.12
N VAL A 110 -0.27 16.11 -14.98
CA VAL A 110 0.12 15.24 -16.06
C VAL A 110 1.61 14.93 -15.91
N CYS A 111 2.06 13.84 -16.52
CA CYS A 111 3.43 13.41 -16.31
C CYS A 111 4.04 12.99 -17.64
N LEU A 112 5.22 13.54 -17.95
CA LEU A 112 5.89 13.31 -19.24
C LEU A 112 7.34 12.83 -19.03
N GLY A 113 7.77 11.91 -19.88
CA GLY A 113 9.12 11.33 -19.79
C GLY A 113 10.21 12.37 -20.05
N LYS A 114 11.36 12.19 -19.43
CA LYS A 114 12.50 13.07 -19.63
C LYS A 114 13.16 12.80 -20.98
N SER A 115 13.83 13.81 -21.53
CA SER A 115 14.52 13.68 -22.83
C SER A 115 15.56 12.58 -22.84
N THR A 116 16.20 12.31 -21.70
CA THR A 116 17.19 11.24 -21.62
C THR A 116 16.65 9.88 -22.09
N TYR A 117 15.43 9.59 -21.68
CA TYR A 117 14.74 8.33 -22.03
C TYR A 117 14.10 8.44 -23.43
N ALA A 118 13.37 9.51 -23.68
CA ALA A 118 12.63 9.66 -24.96
C ALA A 118 13.51 9.60 -26.20
N ARG A 119 14.69 10.20 -26.08
CA ARG A 119 15.65 10.25 -27.15
C ARG A 119 16.27 8.90 -27.48
N CYS A 120 16.10 7.92 -26.58
CA CYS A 120 16.53 6.55 -26.81
C CYS A 120 15.35 5.61 -27.08
N GLY A 121 14.17 6.18 -27.38
CA GLY A 121 13.02 5.38 -27.75
C GLY A 121 12.34 4.68 -26.60
N ILE A 122 12.57 5.17 -25.39
CA ILE A 122 11.99 4.62 -24.18
C ILE A 122 10.91 5.61 -23.73
N ILE A 123 9.68 5.18 -23.82
CA ILE A 123 8.55 6.02 -23.62
C ILE A 123 7.96 5.71 -22.24
N VAL A 124 8.01 6.68 -21.35
CA VAL A 124 7.48 6.54 -20.02
C VAL A 124 6.00 6.92 -20.12
N ASN A 125 5.14 6.05 -19.65
CA ASN A 125 3.73 6.30 -19.66
C ASN A 125 3.30 6.36 -18.18
N VAL A 126 2.79 7.53 -17.78
CA VAL A 126 2.23 7.74 -16.44
C VAL A 126 0.89 8.44 -16.58
N THR A 127 -0.12 7.92 -15.93
CA THR A 127 -1.47 8.45 -16.04
C THR A 127 -1.67 9.68 -15.08
N PRO A 128 -2.55 10.63 -15.43
CA PRO A 128 -2.74 11.82 -14.56
C PRO A 128 -3.04 11.49 -13.09
N PHE A 129 -2.45 12.23 -12.17
CA PHE A 129 -2.76 12.03 -10.75
C PHE A 129 -4.06 12.81 -10.41
N GLU A 130 -5.06 12.14 -9.87
CA GLU A 130 -6.36 12.78 -9.58
C GLU A 130 -6.36 13.56 -8.27
N PRO A 131 -7.21 14.60 -8.16
CA PRO A 131 -7.34 15.32 -6.89
C PRO A 131 -7.75 14.42 -5.73
N GLU A 132 -7.06 14.58 -4.60
CA GLU A 132 -7.23 13.75 -3.39
C GLU A 132 -6.79 12.30 -3.54
N TRP A 133 -6.05 12.02 -4.60
CA TRP A 133 -5.39 10.74 -4.70
C TRP A 133 -4.13 10.84 -3.86
N GLU A 134 -3.75 9.73 -3.25
CA GLU A 134 -2.43 9.61 -2.59
C GLU A 134 -1.82 8.27 -2.92
N GLY A 135 -0.51 8.26 -3.06
CA GLY A 135 0.18 7.03 -3.39
C GLY A 135 1.56 7.23 -3.93
N TYR A 136 2.25 6.11 -4.08
CA TYR A 136 3.39 6.02 -4.95
C TYR A 136 2.82 5.93 -6.37
N VAL A 137 3.52 6.53 -7.32
CA VAL A 137 3.06 6.60 -8.71
C VAL A 137 3.58 5.36 -9.43
N THR A 138 2.73 4.69 -10.21
CA THR A 138 3.17 3.55 -10.99
C THR A 138 3.78 4.08 -12.30
N LEU A 139 5.00 3.70 -12.58
CA LEU A 139 5.67 4.09 -13.83
C LEU A 139 5.62 2.92 -14.81
N GLU A 140 5.35 3.18 -16.08
CA GLU A 140 5.52 2.17 -17.12
C GLU A 140 6.52 2.68 -18.11
N PHE A 141 7.34 1.77 -18.66
CA PHE A 141 8.33 2.11 -19.63
C PHE A 141 8.14 1.20 -20.80
N SER A 142 7.78 1.73 -21.96
CA SER A 142 7.81 0.94 -23.20
C SER A 142 9.15 1.11 -23.87
N ASN A 143 9.91 0.02 -23.98
CA ASN A 143 11.09 0.00 -24.80
C ASN A 143 10.73 -0.24 -26.25
N THR A 144 10.69 0.84 -27.05
CA THR A 144 10.24 0.76 -28.40
C THR A 144 11.43 0.50 -29.34
N THR A 145 12.58 0.06 -28.79
CA THR A 145 13.77 -0.24 -29.58
C THR A 145 13.95 -1.75 -29.73
N PRO A 146 14.68 -2.17 -30.75
CA PRO A 146 15.01 -3.57 -30.92
C PRO A 146 16.32 -4.01 -30.22
N LEU A 147 16.61 -3.44 -29.03
CA LEU A 147 17.62 -3.95 -28.12
C LEU A 147 17.13 -3.85 -26.70
N PRO A 148 17.73 -4.67 -25.83
CA PRO A 148 17.52 -4.48 -24.40
C PRO A 148 17.85 -3.03 -24.00
N ALA A 149 17.16 -2.45 -23.03
CA ALA A 149 17.38 -1.04 -22.65
C ALA A 149 17.50 -0.85 -21.14
N LYS A 150 18.36 0.08 -20.71
CA LYS A 150 18.55 0.39 -19.28
C LYS A 150 17.64 1.47 -18.73
N ILE A 151 17.13 1.21 -17.52
CA ILE A 151 16.44 2.20 -16.71
C ILE A 151 17.23 2.33 -15.41
N TYR A 152 17.59 3.54 -15.03
CA TYR A 152 18.44 3.78 -13.84
C TYR A 152 17.57 4.12 -12.63
N ALA A 153 17.57 3.21 -11.67
CA ALA A 153 16.91 3.43 -10.38
C ALA A 153 17.59 4.59 -9.61
N ASN A 154 16.79 5.25 -8.79
CA ASN A 154 17.20 6.30 -7.86
C ASN A 154 17.55 7.58 -8.57
N GLU A 155 17.18 7.68 -9.83
CA GLU A 155 17.49 8.84 -10.62
C GLU A 155 16.22 9.29 -11.33
N GLY A 156 16.22 10.49 -11.90
CA GLY A 156 15.00 11.02 -12.51
C GLY A 156 14.55 10.20 -13.74
N VAL A 157 13.24 10.10 -13.95
CA VAL A 157 12.67 9.48 -15.13
C VAL A 157 11.59 10.30 -15.82
N ALA A 158 10.95 11.24 -15.14
CA ALA A 158 9.82 11.94 -15.74
C ALA A 158 9.60 13.28 -15.02
N GLN A 159 8.83 14.17 -15.65
CA GLN A 159 8.47 15.45 -15.07
C GLN A 159 6.95 15.53 -14.86
N VAL A 160 6.54 15.88 -13.64
CA VAL A 160 5.13 16.03 -13.33
C VAL A 160 4.77 17.51 -13.47
N LEU A 161 3.70 17.82 -14.20
CA LEU A 161 3.21 19.19 -14.35
C LEU A 161 1.89 19.32 -13.59
N PHE A 162 1.74 20.42 -12.86
CA PHE A 162 0.61 20.59 -11.94
C PHE A 162 -0.35 21.67 -12.41
N PHE A 163 -1.61 21.30 -12.63
CA PHE A 163 -2.66 22.26 -13.03
C PHE A 163 -3.69 22.44 -11.92
N GLU A 164 -4.06 23.69 -11.68
CA GLU A 164 -5.21 24.04 -10.84
C GLU A 164 -6.38 24.54 -11.71
N SER A 165 -7.61 24.19 -11.31
CA SER A 165 -8.83 24.64 -12.00
C SER A 165 -9.31 25.99 -11.43
N ASP A 166 -10.15 26.71 -12.17
CA ASP A 166 -10.84 27.90 -11.61
C ASP A 166 -11.98 27.52 -10.65
N GLU A 167 -12.48 26.28 -10.76
CA GLU A 167 -13.53 25.76 -9.87
C GLU A 167 -13.07 24.50 -9.14
N VAL A 168 -13.32 24.45 -7.84
CA VAL A 168 -13.20 23.21 -7.07
C VAL A 168 -14.13 22.19 -7.70
N CYS A 169 -13.68 20.95 -7.80
CA CYS A 169 -14.48 19.87 -8.37
C CYS A 169 -15.57 19.46 -7.37
N ASP A 170 -16.74 19.09 -7.92
CA ASP A 170 -17.83 18.49 -7.16
C ASP A 170 -17.40 17.15 -6.52
N VAL A 171 -16.92 16.20 -7.34
CA VAL A 171 -16.53 14.86 -6.87
C VAL A 171 -15.03 14.65 -7.09
N SER A 172 -14.25 14.62 -6.00
CA SER A 172 -12.82 14.31 -6.05
C SER A 172 -12.63 12.80 -6.16
N TYR A 173 -11.37 12.37 -6.30
CA TYR A 173 -11.05 10.93 -6.31
C TYR A 173 -11.44 10.24 -4.98
N ALA A 174 -11.30 10.96 -3.88
CA ALA A 174 -11.65 10.44 -2.55
C ALA A 174 -13.16 10.25 -2.36
N ASP A 175 -13.97 11.02 -3.10
CA ASP A 175 -15.45 11.03 -2.93
C ASP A 175 -16.14 9.80 -3.55
N ILE B 5 4.78 -23.04 13.21
CA ILE B 5 5.82 -23.94 12.65
C ILE B 5 5.74 -24.03 11.11
N LYS B 6 4.56 -23.86 10.53
CA LYS B 6 4.34 -24.11 9.09
C LYS B 6 4.72 -22.89 8.22
N SER B 7 5.15 -23.17 7.00
CA SER B 7 5.75 -22.15 6.11
C SER B 7 4.76 -21.54 5.12
N ASP B 8 5.22 -20.53 4.39
CA ASP B 8 4.42 -19.89 3.34
C ASP B 8 3.94 -20.87 2.28
N LYS B 9 4.80 -21.84 1.88
CA LYS B 9 4.40 -22.85 0.90
C LYS B 9 3.23 -23.68 1.45
N TRP B 10 3.33 -24.10 2.71
CA TRP B 10 2.25 -24.84 3.37
C TRP B 10 0.96 -24.04 3.48
N ILE B 11 1.07 -22.79 3.92
CA ILE B 11 -0.12 -21.92 4.06
C ILE B 11 -0.88 -21.81 2.73
N ARG B 12 -0.13 -21.55 1.65
CA ARG B 12 -0.69 -21.51 0.30
C ARG B 12 -1.43 -22.79 -0.06
N ARG B 13 -0.78 -23.92 0.20
CA ARG B 13 -1.36 -25.22 -0.11
C ARG B 13 -2.71 -25.36 0.59
N MET B 14 -2.73 -25.01 1.87
CA MET B 14 -3.92 -25.17 2.72
C MET B 14 -5.07 -24.24 2.36
N ALA B 15 -4.74 -23.05 1.87
CA ALA B 15 -5.75 -22.09 1.47
C ALA B 15 -6.42 -22.55 0.18
N GLU B 16 -5.60 -22.86 -0.81
CA GLU B 16 -6.10 -23.23 -2.13
C GLU B 16 -6.71 -24.63 -2.20
N GLU B 17 -6.14 -25.59 -1.47
CA GLU B 17 -6.63 -26.99 -1.49
C GLU B 17 -7.65 -27.32 -0.39
N HIS B 18 -7.62 -26.60 0.74
CA HIS B 18 -8.56 -26.87 1.86
C HIS B 18 -9.28 -25.64 2.40
N LYS B 19 -9.23 -24.51 1.68
CA LYS B 19 -10.01 -23.33 2.04
C LYS B 19 -9.74 -22.86 3.49
N MET B 20 -8.49 -22.97 3.92
CA MET B 20 -8.16 -22.62 5.30
C MET B 20 -8.39 -21.13 5.56
N ILE B 21 -8.10 -20.31 4.56
CA ILE B 21 -8.24 -18.86 4.62
C ILE B 21 -8.96 -18.38 3.37
N GLU B 22 -10.07 -17.67 3.53
CA GLU B 22 -10.81 -17.11 2.40
C GLU B 22 -11.34 -15.73 2.79
N PRO B 23 -11.05 -14.68 2.02
CA PRO B 23 -10.20 -14.62 0.83
C PRO B 23 -8.74 -14.71 1.21
N PHE B 24 -7.90 -15.11 0.26
CA PHE B 24 -6.49 -15.37 0.52
C PHE B 24 -5.62 -14.63 -0.51
N VAL B 25 -4.51 -14.04 -0.07
CA VAL B 25 -3.49 -13.54 -1.00
C VAL B 25 -2.19 -14.30 -0.77
N PRO B 26 -1.52 -14.75 -1.85
CA PRO B 26 -0.35 -15.62 -1.75
C PRO B 26 0.95 -14.88 -1.46
N ASP B 27 0.92 -13.56 -1.56
CA ASP B 27 2.10 -12.72 -1.34
C ASP B 27 1.74 -11.58 -0.36
N GLN B 28 2.76 -10.81 0.04
CA GLN B 28 2.58 -9.58 0.81
C GLN B 28 2.04 -8.50 -0.09
N VAL B 29 0.96 -7.86 0.33
CA VAL B 29 0.47 -6.69 -0.34
C VAL B 29 0.83 -5.49 0.52
N ARG B 30 1.62 -4.56 -0.03
CA ARG B 30 2.15 -3.39 0.68
C ARG B 30 1.55 -2.04 0.21
N ALA B 31 0.68 -2.09 -0.78
CA ALA B 31 0.04 -0.89 -1.28
C ALA B 31 -1.32 -1.29 -1.82
N ALA B 32 -2.25 -0.35 -1.85
CA ALA B 32 -3.54 -0.58 -2.42
C ALA B 32 -3.43 -0.53 -3.97
N GLU B 33 -4.55 -0.82 -4.63
CA GLU B 33 -4.62 -0.91 -6.10
C GLU B 33 -4.06 0.35 -6.74
N ASP B 34 -4.42 1.50 -6.16
CA ASP B 34 -4.01 2.78 -6.70
C ASP B 34 -2.65 3.33 -6.18
N GLY B 35 -1.84 2.52 -5.49
CA GLY B 35 -0.51 2.99 -5.00
C GLY B 35 -0.50 3.59 -3.57
N ARG B 36 -1.68 3.74 -2.96
CA ARG B 36 -1.78 4.19 -1.59
C ARG B 36 -1.06 3.24 -0.63
N ARG B 37 -0.23 3.79 0.25
CA ARG B 37 0.48 2.98 1.21
C ARG B 37 -0.51 2.41 2.23
N ILE B 38 -0.39 1.13 2.52
CA ILE B 38 -1.24 0.49 3.52
C ILE B 38 -0.37 -0.27 4.49
N VAL B 39 -0.97 -0.69 5.59
CA VAL B 39 -0.32 -1.59 6.52
C VAL B 39 -0.42 -2.96 5.84
N SER B 40 0.71 -3.64 5.68
CA SER B 40 0.75 -4.79 4.80
C SER B 40 -0.02 -6.00 5.30
N TYR B 41 -0.55 -6.77 4.37
CA TYR B 41 -1.21 -8.02 4.67
C TYR B 41 -0.82 -9.11 3.67
N GLY B 42 -1.27 -10.32 3.96
CA GLY B 42 -1.04 -11.44 3.07
C GLY B 42 -0.06 -12.41 3.65
N THR B 43 0.28 -13.40 2.82
CA THR B 43 1.18 -14.45 3.23
C THR B 43 2.56 -13.90 3.48
N SER B 44 3.16 -14.34 4.57
CA SER B 44 4.49 -13.95 4.98
C SER B 44 5.35 -15.22 4.93
N SER B 45 6.64 -15.11 5.27
CA SER B 45 7.57 -16.25 5.17
C SER B 45 7.07 -17.42 5.98
N TYR B 46 6.65 -17.14 7.22
CA TYR B 46 6.22 -18.18 8.16
C TYR B 46 4.96 -17.77 8.92
N GLY B 47 3.98 -17.24 8.20
CA GLY B 47 2.74 -16.82 8.83
C GLY B 47 1.83 -16.13 7.84
N TYR B 48 0.72 -15.62 8.35
CA TYR B 48 -0.22 -14.88 7.54
C TYR B 48 -0.66 -13.59 8.25
N ASP B 49 -0.48 -12.46 7.55
CA ASP B 49 -0.89 -11.15 8.04
C ASP B 49 -2.36 -10.91 7.70
N ILE B 50 -3.18 -10.94 8.74
CA ILE B 50 -4.63 -10.80 8.58
C ILE B 50 -5.03 -9.33 8.57
N ARG B 51 -6.18 -9.07 7.95
CA ARG B 51 -6.75 -7.74 7.84
C ARG B 51 -7.94 -7.52 8.77
N CYS B 52 -8.09 -6.28 9.20
CA CYS B 52 -9.21 -5.83 10.01
C CYS B 52 -10.33 -5.42 9.05
N ALA B 53 -11.57 -5.85 9.28
CA ALA B 53 -12.70 -5.40 8.46
C ALA B 53 -13.13 -4.04 8.97
N ASP B 54 -14.13 -3.44 8.32
CA ASP B 54 -14.52 -2.08 8.61
C ASP B 54 -15.64 -1.91 9.68
N GLU B 55 -16.03 -2.99 10.35
CA GLU B 55 -17.07 -2.90 11.39
C GLU B 55 -16.46 -3.00 12.81
N PHE B 56 -16.61 -1.94 13.60
CA PHE B 56 -15.92 -1.87 14.86
C PHE B 56 -16.93 -1.72 16.00
N LYS B 57 -16.53 -2.15 17.19
CA LYS B 57 -17.28 -1.88 18.40
C LYS B 57 -16.35 -1.14 19.35
N ILE B 58 -16.65 0.11 19.62
CA ILE B 58 -15.79 0.98 20.46
C ILE B 58 -16.38 0.99 21.86
N PHE B 59 -15.56 0.63 22.83
CA PHE B 59 -16.00 0.58 24.23
C PHE B 59 -16.43 1.94 24.71
N THR B 60 -17.57 2.00 25.40
CA THR B 60 -18.01 3.21 26.05
C THR B 60 -18.29 2.87 27.50
N ASN B 61 -17.80 3.71 28.40
CA ASN B 61 -18.14 3.57 29.85
C ASN B 61 -19.40 4.39 30.26
N ILE B 62 -20.11 4.97 29.32
CA ILE B 62 -21.27 5.79 29.70
C ILE B 62 -22.42 4.91 30.20
N ASN B 63 -22.97 5.32 31.34
CA ASN B 63 -24.07 4.63 32.00
CA ASN B 63 -24.04 4.67 32.05
C ASN B 63 -23.72 3.26 32.55
N SER B 64 -22.43 2.96 32.76
CA SER B 64 -21.98 1.69 33.34
C SER B 64 -20.99 2.00 34.47
N THR B 65 -20.83 1.01 35.35
CA THR B 65 -19.92 1.14 36.49
C THR B 65 -18.89 0.01 36.56
N ILE B 66 -19.10 -1.10 35.83
CA ILE B 66 -18.18 -2.24 35.95
C ILE B 66 -18.10 -3.00 34.63
N VAL B 67 -16.91 -3.48 34.30
CA VAL B 67 -16.74 -4.37 33.15
C VAL B 67 -16.86 -5.81 33.67
N ASP B 68 -17.87 -6.54 33.18
CA ASP B 68 -18.14 -7.89 33.61
C ASP B 68 -17.96 -8.90 32.47
N PRO B 69 -16.80 -9.55 32.41
CA PRO B 69 -16.55 -10.44 31.25
C PRO B 69 -17.50 -11.61 31.13
N LYS B 70 -18.17 -12.02 32.21
CA LYS B 70 -19.19 -13.07 32.13
C LYS B 70 -20.55 -12.54 31.77
N ASN B 71 -20.68 -11.23 31.64
CA ASN B 71 -21.94 -10.64 31.24
C ASN B 71 -21.69 -9.62 30.12
N PHE B 72 -21.13 -10.11 29.02
CA PHE B 72 -20.80 -9.24 27.89
C PHE B 72 -22.07 -8.51 27.43
N ASP B 73 -22.00 -7.18 27.32
CA ASP B 73 -23.17 -6.32 27.10
C ASP B 73 -22.91 -5.44 25.89
N GLU B 74 -23.64 -5.72 24.81
CA GLU B 74 -23.54 -4.93 23.58
C GLU B 74 -23.84 -3.47 23.85
N GLY B 75 -24.57 -3.17 24.91
CA GLY B 75 -24.82 -1.79 25.33
C GLY B 75 -23.60 -1.00 25.75
N SER B 76 -22.48 -1.67 26.03
CA SER B 76 -21.28 -0.94 26.44
CA SER B 76 -21.29 -0.92 26.43
C SER B 76 -20.35 -0.70 25.24
N PHE B 77 -20.89 -0.83 24.04
CA PHE B 77 -20.11 -0.55 22.83
C PHE B 77 -20.88 0.33 21.88
N VAL B 78 -20.16 1.21 21.18
CA VAL B 78 -20.72 1.98 20.10
C VAL B 78 -20.31 1.35 18.76
N ASP B 79 -21.29 1.05 17.91
CA ASP B 79 -21.00 0.50 16.57
C ASP B 79 -20.45 1.58 15.70
N PHE B 80 -19.39 1.28 14.96
CA PHE B 80 -18.81 2.24 14.03
C PHE B 80 -18.42 1.45 12.81
N LYS B 81 -18.87 1.92 11.64
CA LYS B 81 -18.48 1.30 10.39
C LYS B 81 -17.76 2.35 9.57
N GLY B 82 -16.53 2.09 9.17
CA GLY B 82 -15.79 3.10 8.40
C GLY B 82 -14.38 2.68 8.11
N ASP B 83 -13.66 3.52 7.37
CA ASP B 83 -12.31 3.17 6.94
C ASP B 83 -11.26 3.27 8.05
N VAL B 84 -11.48 4.20 8.99
CA VAL B 84 -10.54 4.42 10.08
C VAL B 84 -11.32 4.50 11.40
N CYS B 85 -11.04 3.58 12.32
CA CYS B 85 -11.66 3.64 13.64
C CYS B 85 -10.79 4.47 14.57
N ILE B 86 -11.41 5.30 15.38
CA ILE B 86 -10.71 6.07 16.40
C ILE B 86 -10.99 5.39 17.73
N ILE B 87 -9.95 4.91 18.42
CA ILE B 87 -10.08 4.32 19.77
C ILE B 87 -9.78 5.40 20.76
N PRO B 88 -10.69 5.66 21.72
CA PRO B 88 -10.40 6.70 22.69
C PRO B 88 -9.11 6.41 23.48
N PRO B 89 -8.51 7.43 24.07
CA PRO B 89 -7.30 7.21 24.86
C PRO B 89 -7.50 6.24 26.01
N ASN B 90 -6.52 5.41 26.23
CA ASN B 90 -6.51 4.46 27.36
C ASN B 90 -7.81 3.67 27.40
N SER B 91 -8.22 3.16 26.26
CA SER B 91 -9.42 2.33 26.16
C SER B 91 -9.26 1.36 25.00
N PHE B 92 -10.34 0.72 24.56
CA PHE B 92 -10.25 -0.35 23.63
C PHE B 92 -11.43 -0.40 22.67
N ALA B 93 -11.23 -1.18 21.62
CA ALA B 93 -12.21 -1.44 20.56
C ALA B 93 -12.11 -2.91 20.11
N LEU B 94 -13.22 -3.42 19.55
CA LEU B 94 -13.27 -4.75 18.96
C LEU B 94 -13.53 -4.63 17.47
N ALA B 95 -13.08 -5.63 16.72
CA ALA B 95 -13.40 -5.74 15.28
C ALA B 95 -13.30 -7.22 14.88
N ARG B 96 -13.53 -7.50 13.61
CA ARG B 96 -13.36 -8.86 13.08
C ARG B 96 -12.48 -8.80 11.82
N THR B 97 -11.90 -9.94 11.49
CA THR B 97 -11.03 -10.04 10.35
C THR B 97 -11.83 -10.02 9.04
N VAL B 98 -11.23 -9.53 7.98
CA VAL B 98 -11.76 -9.72 6.65
C VAL B 98 -11.77 -11.22 6.35
N GLU B 99 -10.69 -11.91 6.73
CA GLU B 99 -10.53 -13.32 6.44
C GLU B 99 -11.41 -14.25 7.28
N TYR B 100 -11.98 -15.25 6.59
CA TYR B 100 -12.74 -16.33 7.22
C TYR B 100 -11.80 -17.54 7.28
N PHE B 101 -11.79 -18.21 8.43
CA PHE B 101 -10.86 -19.30 8.70
C PHE B 101 -11.57 -20.65 8.86
N ARG B 102 -10.88 -21.72 8.44
CA ARG B 102 -11.33 -23.09 8.68
C ARG B 102 -10.11 -23.84 9.17
N ILE B 103 -10.04 -24.08 10.48
CA ILE B 103 -8.80 -24.59 11.08
C ILE B 103 -8.86 -26.11 11.18
N PRO B 104 -7.87 -26.80 10.60
CA PRO B 104 -7.86 -28.27 10.68
C PRO B 104 -7.74 -28.78 12.13
N ARG B 105 -8.17 -30.02 12.34
CA ARG B 105 -8.08 -30.70 13.64
C ARG B 105 -6.63 -30.79 14.12
N THR B 106 -5.69 -30.70 13.18
CA THR B 106 -4.27 -30.81 13.44
C THR B 106 -3.61 -29.49 13.85
N VAL B 107 -4.31 -28.37 13.65
CA VAL B 107 -3.67 -27.05 13.63
C VAL B 107 -4.04 -26.18 14.84
N LEU B 108 -3.03 -25.57 15.45
CA LEU B 108 -3.21 -24.59 16.55
C LEU B 108 -2.56 -23.29 16.12
N THR B 109 -3.23 -22.16 16.28
CA THR B 109 -2.66 -20.90 15.82
C THR B 109 -2.48 -19.90 16.94
N VAL B 110 -1.42 -19.08 16.87
CA VAL B 110 -1.28 -17.92 17.74
C VAL B 110 -1.22 -16.69 16.87
N CYS B 111 -1.54 -15.54 17.44
CA CYS B 111 -1.64 -14.33 16.64
C CYS B 111 -0.98 -13.16 17.36
N LEU B 112 -0.06 -12.47 16.67
CA LEU B 112 0.76 -11.40 17.24
C LEU B 112 0.62 -10.11 16.45
N GLY B 113 0.59 -8.98 17.15
CA GLY B 113 0.36 -7.66 16.54
C GLY B 113 1.52 -7.25 15.64
N LYS B 114 1.21 -6.50 14.59
CA LYS B 114 2.24 -5.97 13.69
C LYS B 114 2.98 -4.80 14.34
N SER B 115 4.24 -4.62 13.96
CA SER B 115 5.07 -3.55 14.55
C SER B 115 4.50 -2.17 14.30
N THR B 116 3.80 -1.98 13.18
CA THR B 116 3.13 -0.70 12.90
C THR B 116 2.24 -0.24 14.06
N TYR B 117 1.48 -1.16 14.63
CA TYR B 117 0.57 -0.88 15.77
C TYR B 117 1.32 -0.90 17.09
N ALA B 118 2.11 -1.94 17.32
CA ALA B 118 2.87 -2.09 18.58
C ALA B 118 3.75 -0.89 18.92
N ARG B 119 4.42 -0.37 17.90
CA ARG B 119 5.29 0.75 18.02
C ARG B 119 4.58 2.06 18.39
N CYS B 120 3.27 2.09 18.25
CA CYS B 120 2.44 3.24 18.68
C CYS B 120 1.65 2.96 19.96
N GLY B 121 2.02 1.89 20.66
CA GLY B 121 1.37 1.55 21.93
C GLY B 121 -0.02 0.97 21.78
N ILE B 122 -0.34 0.46 20.61
CA ILE B 122 -1.61 -0.18 20.31
C ILE B 122 -1.38 -1.69 20.28
N ILE B 123 -1.94 -2.39 21.25
CA ILE B 123 -1.68 -3.79 21.47
C ILE B 123 -2.91 -4.59 20.94
N VAL B 124 -2.70 -5.35 19.87
CA VAL B 124 -3.73 -6.16 19.31
C VAL B 124 -3.71 -7.45 20.10
N ASN B 125 -4.87 -7.85 20.61
CA ASN B 125 -5.02 -9.09 21.31
C ASN B 125 -5.97 -9.96 20.45
N VAL B 126 -5.46 -11.10 20.01
CA VAL B 126 -6.28 -12.11 19.34
C VAL B 126 -6.01 -13.45 20.02
N THR B 127 -7.08 -14.12 20.43
CA THR B 127 -6.97 -15.39 21.14
C THR B 127 -6.71 -16.55 20.14
N PRO B 128 -5.95 -17.58 20.56
CA PRO B 128 -5.66 -18.69 19.61
C PRO B 128 -6.91 -19.27 18.92
N PHE B 129 -6.81 -19.59 17.63
CA PHE B 129 -7.91 -20.28 16.94
C PHE B 129 -7.80 -21.78 17.26
N GLU B 130 -8.86 -22.39 17.77
CA GLU B 130 -8.85 -23.79 18.19
C GLU B 130 -9.05 -24.73 16.97
N PRO B 131 -8.55 -25.99 17.05
CA PRO B 131 -8.69 -26.89 15.90
C PRO B 131 -10.15 -27.19 15.61
N GLU B 132 -10.50 -27.29 14.33
CA GLU B 132 -11.87 -27.61 13.89
C GLU B 132 -12.85 -26.49 14.28
N TRP B 133 -12.32 -25.27 14.37
CA TRP B 133 -13.13 -24.06 14.48
C TRP B 133 -13.24 -23.38 13.13
N GLU B 134 -14.39 -22.75 12.87
CA GLU B 134 -14.61 -22.01 11.62
C GLU B 134 -15.25 -20.65 11.96
N GLY B 135 -14.80 -19.59 11.29
CA GLY B 135 -15.34 -18.26 11.56
C GLY B 135 -14.49 -17.09 11.08
N TYR B 136 -15.05 -15.90 11.21
CA TYR B 136 -14.26 -14.68 11.24
C TYR B 136 -13.65 -14.60 12.62
N VAL B 137 -12.45 -14.05 12.70
CA VAL B 137 -11.71 -13.98 13.96
C VAL B 137 -11.99 -12.65 14.62
N THR B 138 -12.27 -12.67 15.94
CA THR B 138 -12.52 -11.44 16.70
C THR B 138 -11.17 -10.82 17.07
N LEU B 139 -11.05 -9.53 16.82
CA LEU B 139 -9.85 -8.78 17.15
C LEU B 139 -10.16 -7.78 18.27
N GLU B 140 -9.23 -7.58 19.18
CA GLU B 140 -9.32 -6.54 20.18
C GLU B 140 -8.11 -5.66 20.08
N PHE B 141 -8.30 -4.36 20.29
CA PHE B 141 -7.21 -3.41 20.27
C PHE B 141 -7.24 -2.64 21.56
N SER B 142 -6.21 -2.76 22.37
CA SER B 142 -6.02 -1.85 23.53
C SER B 142 -5.17 -0.65 23.13
N ASN B 143 -5.77 0.55 23.17
CA ASN B 143 -5.00 1.79 23.03
C ASN B 143 -4.36 2.15 24.37
N THR B 144 -3.08 1.85 24.53
CA THR B 144 -2.40 2.09 25.80
C THR B 144 -1.75 3.47 25.81
N THR B 145 -2.15 4.36 24.89
CA THR B 145 -1.63 5.72 24.81
C THR B 145 -2.69 6.70 25.35
N PRO B 146 -2.24 7.86 25.82
CA PRO B 146 -3.16 8.90 26.29
C PRO B 146 -3.62 9.86 25.15
N LEU B 147 -3.81 9.35 23.93
CA LEU B 147 -4.51 10.05 22.86
C LEU B 147 -5.40 9.08 22.13
N PRO B 148 -6.40 9.62 21.43
CA PRO B 148 -7.16 8.85 20.47
C PRO B 148 -6.22 8.21 19.50
N ALA B 149 -6.52 6.99 19.03
CA ALA B 149 -5.64 6.30 18.11
C ALA B 149 -6.40 5.73 16.91
N LYS B 150 -5.74 5.74 15.75
CA LYS B 150 -6.36 5.18 14.52
C LYS B 150 -6.06 3.73 14.31
N ILE B 151 -7.08 2.99 13.88
CA ILE B 151 -6.95 1.64 13.35
C ILE B 151 -7.47 1.70 11.90
N TYR B 152 -6.67 1.21 10.95
CA TYR B 152 -7.05 1.25 9.53
C TYR B 152 -7.73 -0.02 9.08
N ALA B 153 -9.00 0.11 8.72
CA ALA B 153 -9.77 -1.00 8.16
C ALA B 153 -9.23 -1.43 6.79
N ASN B 154 -9.42 -2.70 6.46
CA ASN B 154 -9.08 -3.31 5.14
C ASN B 154 -7.57 -3.45 4.93
N GLU B 155 -6.82 -3.33 6.03
CA GLU B 155 -5.36 -3.36 5.99
C GLU B 155 -4.88 -4.27 7.11
N GLY B 156 -3.60 -4.65 7.09
CA GLY B 156 -3.11 -5.64 8.02
C GLY B 156 -3.13 -5.11 9.46
N VAL B 157 -3.33 -6.02 10.43
CA VAL B 157 -3.24 -5.68 11.86
C VAL B 157 -2.45 -6.68 12.72
N ALA B 158 -2.29 -7.91 12.26
CA ALA B 158 -1.66 -8.93 13.07
C ALA B 158 -1.11 -10.03 12.18
N GLN B 159 -0.21 -10.85 12.75
CA GLN B 159 0.33 -12.00 12.05
C GLN B 159 -0.08 -13.28 12.76
N VAL B 160 -0.65 -14.23 12.01
CA VAL B 160 -1.05 -15.49 12.56
C VAL B 160 0.08 -16.49 12.30
N LEU B 161 0.51 -17.22 13.33
CA LEU B 161 1.50 -18.29 13.17
C LEU B 161 0.77 -19.61 13.38
N PHE B 162 1.03 -20.58 12.49
CA PHE B 162 0.34 -21.86 12.48
C PHE B 162 1.24 -22.97 13.03
N PHE B 163 0.87 -23.57 14.17
CA PHE B 163 1.71 -24.56 14.86
C PHE B 163 1.42 -25.98 14.37
C1 EDO C . -1.70 -8.78 -18.82
O1 EDO C . -2.74 -9.78 -18.77
C2 EDO C . -1.08 -8.37 -17.47
O2 EDO C . -1.20 -9.43 -16.52
C1 EDO D . 17.31 -10.19 -8.99
O1 EDO D . 17.27 -11.23 -9.97
C2 EDO D . 15.97 -10.18 -8.28
O2 EDO D . 15.76 -8.86 -7.81
C1 EDO E . 12.43 -7.47 -30.74
O1 EDO E . 11.12 -7.80 -31.24
C2 EDO E . 13.47 -8.55 -31.15
O2 EDO E . 13.26 -9.00 -32.53
C1 EDO F . -5.17 12.59 0.16
O1 EDO F . -4.58 11.84 1.24
C2 EDO F . -4.32 13.84 -0.07
O2 EDO F . -5.05 14.93 -0.68
C1 EDO G . -1.24 7.57 -10.57
O1 EDO G . -0.59 7.73 -11.89
C2 EDO G . -0.91 6.22 -9.94
O2 EDO G . 0.31 5.74 -10.55
C1 EDO H . -18.46 -5.51 30.02
O1 EDO H . -19.43 -5.75 31.05
C2 EDO H . -18.84 -6.07 28.66
O2 EDO H . -20.03 -5.47 28.15
C1 EDO I . -11.47 -12.01 21.40
O1 EDO I . -10.75 -13.24 21.22
C2 EDO I . -10.52 -10.86 21.11
O2 EDO I . -9.19 -11.21 21.47
#